data_6SAA
#
_entry.id   6SAA
#
_entity_poly.entity_id   1
_entity_poly.type   'polypeptide(L)'
_entity_poly.pdbx_seq_one_letter_code
;RCLHAGAACSGPIQKIPCCGTCSRRKCT
;
_entity_poly.pdbx_strand_id   A
#
# COMPACT_ATOMS: atom_id res chain seq x y z
N ARG A 1 1.24 5.81 11.22
CA ARG A 1 1.69 4.56 10.57
C ARG A 1 0.89 4.30 9.30
N CYS A 2 1.56 4.44 8.18
CA CYS A 2 0.94 4.21 6.88
C CYS A 2 1.97 4.35 5.76
N LEU A 3 1.75 3.60 4.71
CA LEU A 3 2.66 3.57 3.57
C LEU A 3 2.40 4.76 2.66
N HIS A 4 3.46 5.45 2.26
CA HIS A 4 3.34 6.62 1.40
C HIS A 4 3.18 6.19 -0.06
N ALA A 5 3.10 7.17 -0.95
CA ALA A 5 2.93 6.91 -2.37
C ALA A 5 4.13 6.17 -2.94
N GLY A 6 3.85 5.06 -3.59
CA GLY A 6 4.88 4.28 -4.24
C GLY A 6 5.34 3.12 -3.38
N ALA A 7 4.52 2.73 -2.42
CA ALA A 7 4.87 1.61 -1.55
C ALA A 7 4.14 0.36 -1.99
N ALA A 8 4.83 -0.76 -2.13
CA ALA A 8 4.21 -1.99 -2.63
C ALA A 8 3.13 -2.49 -1.68
N CYS A 9 1.91 -2.61 -2.21
CA CYS A 9 0.79 -3.14 -1.44
C CYS A 9 -0.21 -3.83 -2.37
N SER A 10 -1.32 -4.32 -1.79
CA SER A 10 -2.37 -5.04 -2.53
C SER A 10 -1.89 -6.44 -2.92
N GLY A 11 -0.78 -6.84 -2.34
CA GLY A 11 -0.22 -8.15 -2.61
C GLY A 11 -0.54 -9.13 -1.51
N PRO A 12 0.12 -10.30 -1.51
CA PRO A 12 -0.02 -11.33 -0.46
C PRO A 12 -0.08 -10.73 0.94
N ILE A 13 -0.78 -11.44 1.83
CA ILE A 13 -1.17 -10.95 3.18
C ILE A 13 -0.37 -9.72 3.64
N GLN A 14 -0.93 -8.56 3.33
CA GLN A 14 -0.30 -7.29 3.66
C GLN A 14 -1.21 -6.46 4.53
N LYS A 15 -1.06 -6.59 5.83
CA LYS A 15 -1.73 -5.65 6.70
C LYS A 15 -0.78 -4.52 7.04
N ILE A 16 -1.03 -3.38 6.40
CA ILE A 16 -0.33 -2.12 6.62
C ILE A 16 -1.09 -1.07 5.82
N PRO A 17 -1.95 -0.29 6.45
CA PRO A 17 -2.75 0.67 5.70
C PRO A 17 -1.88 1.79 5.14
N CYS A 18 -1.96 2.01 3.84
CA CYS A 18 -1.22 3.09 3.22
C CYS A 18 -1.98 4.38 3.36
N CYS A 19 -1.29 5.50 3.42
CA CYS A 19 -1.98 6.75 3.31
C CYS A 19 -2.14 7.02 1.84
N GLY A 20 -3.11 6.33 1.28
CA GLY A 20 -3.31 6.31 -0.14
C GLY A 20 -4.32 5.25 -0.53
N THR A 21 -4.55 5.10 -1.82
CA THR A 21 -5.31 3.98 -2.32
C THR A 21 -4.35 2.85 -2.69
N CYS A 22 -4.67 1.62 -2.34
CA CYS A 22 -3.84 0.49 -2.70
C CYS A 22 -4.16 0.02 -4.12
N SER A 23 -3.14 -0.01 -4.98
CA SER A 23 -3.32 -0.39 -6.37
C SER A 23 -2.01 -0.84 -6.99
N ARG A 24 -2.07 -1.88 -7.83
CA ARG A 24 -0.93 -2.36 -8.64
C ARG A 24 0.38 -2.48 -7.84
N ARG A 25 0.33 -3.10 -6.66
CA ARG A 25 1.51 -3.25 -5.81
C ARG A 25 2.09 -1.88 -5.46
N LYS A 26 1.21 -0.91 -5.31
CA LYS A 26 1.61 0.43 -4.93
C LYS A 26 0.55 1.08 -4.05
N CYS A 27 1.00 1.78 -3.05
CA CYS A 27 0.16 2.67 -2.31
C CYS A 27 0.17 3.99 -3.05
N THR A 28 -1.00 4.44 -3.47
CA THR A 28 -1.10 5.60 -4.34
C THR A 28 -1.59 6.81 -3.58
N ARG A 1 0.60 4.71 11.56
CA ARG A 1 1.43 3.92 10.62
C ARG A 1 0.72 3.77 9.29
N CYS A 2 1.36 4.28 8.25
CA CYS A 2 0.81 4.15 6.90
C CYS A 2 1.90 4.27 5.85
N LEU A 3 1.70 3.56 4.75
CA LEU A 3 2.63 3.55 3.64
C LEU A 3 2.37 4.74 2.71
N HIS A 4 3.43 5.37 2.23
CA HIS A 4 3.28 6.53 1.36
C HIS A 4 3.19 6.09 -0.11
N ALA A 5 3.11 7.06 -1.00
CA ALA A 5 2.96 6.79 -2.42
C ALA A 5 4.18 6.06 -2.97
N GLY A 6 3.92 4.92 -3.58
CA GLY A 6 4.97 4.15 -4.21
C GLY A 6 5.37 2.93 -3.40
N ALA A 7 4.57 2.59 -2.40
CA ALA A 7 4.90 1.45 -1.53
C ALA A 7 4.10 0.23 -1.94
N ALA A 8 4.77 -0.87 -2.29
CA ALA A 8 4.08 -2.04 -2.82
C ALA A 8 3.02 -2.58 -1.87
N CYS A 9 1.77 -2.63 -2.35
CA CYS A 9 0.65 -3.10 -1.55
C CYS A 9 -0.41 -3.75 -2.44
N SER A 10 -1.47 -4.28 -1.83
CA SER A 10 -2.52 -5.03 -2.53
C SER A 10 -1.98 -6.38 -2.97
N GLY A 11 -0.83 -6.73 -2.45
CA GLY A 11 -0.21 -8.00 -2.75
C GLY A 11 -0.43 -9.01 -1.65
N PRO A 12 0.30 -10.13 -1.66
CA PRO A 12 0.26 -11.15 -0.60
C PRO A 12 0.31 -10.52 0.79
N ILE A 13 -0.19 -11.29 1.78
CA ILE A 13 -0.41 -10.83 3.16
C ILE A 13 0.33 -9.53 3.51
N GLN A 14 -0.42 -8.44 3.53
CA GLN A 14 0.13 -7.14 3.81
C GLN A 14 -0.81 -6.37 4.72
N LYS A 15 -0.67 -6.56 6.01
CA LYS A 15 -1.43 -5.72 6.90
C LYS A 15 -0.59 -4.52 7.30
N ILE A 16 -0.90 -3.40 6.64
CA ILE A 16 -0.31 -2.09 6.85
C ILE A 16 -1.07 -1.12 5.97
N PRO A 17 -2.00 -0.34 6.50
CA PRO A 17 -2.77 0.57 5.67
C PRO A 17 -1.91 1.71 5.14
N CYS A 18 -2.00 1.97 3.84
CA CYS A 18 -1.26 3.06 3.24
C CYS A 18 -2.02 4.35 3.40
N CYS A 19 -1.32 5.47 3.46
CA CYS A 19 -1.99 6.73 3.33
C CYS A 19 -2.11 7.00 1.84
N GLY A 20 -3.08 6.33 1.26
CA GLY A 20 -3.23 6.33 -0.17
C GLY A 20 -4.27 5.32 -0.59
N THR A 21 -4.48 5.19 -1.88
CA THR A 21 -5.27 4.09 -2.41
C THR A 21 -4.32 2.93 -2.74
N CYS A 22 -4.73 1.70 -2.49
CA CYS A 22 -3.90 0.55 -2.81
C CYS A 22 -4.21 0.03 -4.21
N SER A 23 -3.25 0.20 -5.11
CA SER A 23 -3.45 -0.17 -6.50
C SER A 23 -2.14 -0.61 -7.15
N ARG A 24 -2.17 -1.71 -7.89
CA ARG A 24 -1.03 -2.16 -8.70
C ARG A 24 0.24 -2.33 -7.86
N ARG A 25 0.14 -3.12 -6.78
CA ARG A 25 1.25 -3.35 -5.85
C ARG A 25 1.98 -2.05 -5.52
N LYS A 26 1.21 -1.02 -5.24
CA LYS A 26 1.74 0.25 -4.76
C LYS A 26 0.67 1.08 -4.09
N CYS A 27 1.05 1.69 -2.99
CA CYS A 27 0.20 2.64 -2.32
C CYS A 27 0.25 3.95 -3.08
N THR A 28 -0.91 4.45 -3.46
CA THR A 28 -0.98 5.62 -4.33
C THR A 28 -1.53 6.82 -3.55
N ARG A 1 0.73 5.04 11.47
CA ARG A 1 1.47 4.08 10.61
C ARG A 1 0.76 3.89 9.29
N CYS A 2 1.47 4.15 8.20
CA CYS A 2 0.92 3.96 6.87
C CYS A 2 2.02 4.01 5.84
N LEU A 3 1.75 3.40 4.70
CA LEU A 3 2.68 3.39 3.58
C LEU A 3 2.47 4.62 2.72
N HIS A 4 3.57 5.21 2.27
CA HIS A 4 3.52 6.44 1.47
C HIS A 4 3.27 6.11 0.00
N ALA A 5 3.17 7.14 -0.83
CA ALA A 5 2.97 6.97 -2.26
C ALA A 5 4.20 6.36 -2.91
N GLY A 6 4.00 5.19 -3.50
CA GLY A 6 5.10 4.48 -4.11
C GLY A 6 5.51 3.27 -3.31
N ALA A 7 4.63 2.84 -2.40
CA ALA A 7 4.88 1.66 -1.60
C ALA A 7 4.11 0.49 -2.18
N ALA A 8 4.40 -0.72 -1.73
CA ALA A 8 3.70 -1.90 -2.24
C ALA A 8 2.48 -2.23 -1.37
N CYS A 9 1.33 -2.31 -2.01
CA CYS A 9 0.10 -2.69 -1.32
C CYS A 9 -0.78 -3.54 -2.22
N SER A 10 -1.72 -4.25 -1.61
CA SER A 10 -2.58 -5.20 -2.30
C SER A 10 -1.77 -6.41 -2.74
N GLY A 11 -0.55 -6.48 -2.23
CA GLY A 11 0.33 -7.59 -2.53
C GLY A 11 0.13 -8.73 -1.55
N PRO A 12 1.04 -9.71 -1.53
CA PRO A 12 0.97 -10.82 -0.59
C PRO A 12 1.04 -10.33 0.86
N ILE A 13 0.68 -11.21 1.80
CA ILE A 13 0.42 -10.84 3.21
C ILE A 13 0.98 -9.46 3.61
N GLN A 14 0.08 -8.49 3.61
CA GLN A 14 0.45 -7.11 3.90
C GLN A 14 -0.65 -6.44 4.68
N LYS A 15 -0.63 -6.58 5.98
CA LYS A 15 -1.50 -5.75 6.78
C LYS A 15 -0.72 -4.53 7.23
N ILE A 16 -0.99 -3.42 6.55
CA ILE A 16 -0.44 -2.09 6.79
C ILE A 16 -1.17 -1.12 5.87
N PRO A 17 -2.13 -0.36 6.35
CA PRO A 17 -2.87 0.54 5.48
C PRO A 17 -2.01 1.68 4.98
N CYS A 18 -2.03 1.94 3.69
CA CYS A 18 -1.25 3.03 3.14
C CYS A 18 -1.99 4.34 3.28
N CYS A 19 -1.25 5.44 3.34
CA CYS A 19 -1.89 6.73 3.16
C CYS A 19 -1.96 6.97 1.67
N GLY A 20 -2.94 6.31 1.07
CA GLY A 20 -3.08 6.29 -0.36
C GLY A 20 -4.13 5.28 -0.73
N THR A 21 -4.36 5.10 -2.02
CA THR A 21 -5.16 3.98 -2.49
C THR A 21 -4.24 2.80 -2.81
N CYS A 22 -4.51 1.66 -2.22
CA CYS A 22 -3.76 0.46 -2.52
C CYS A 22 -4.12 -0.05 -3.91
N SER A 23 -3.26 0.25 -4.87
CA SER A 23 -3.53 -0.01 -6.26
C SER A 23 -2.29 -0.51 -7.01
N ARG A 24 -2.41 -1.67 -7.65
CA ARG A 24 -1.37 -2.21 -8.53
C ARG A 24 -0.08 -2.52 -7.76
N ARG A 25 -0.21 -3.04 -6.55
CA ARG A 25 0.94 -3.28 -5.68
C ARG A 25 1.63 -1.98 -5.35
N LYS A 26 0.87 -0.89 -5.37
CA LYS A 26 1.40 0.43 -5.03
C LYS A 26 0.43 1.16 -4.14
N CYS A 27 0.96 1.82 -3.14
CA CYS A 27 0.18 2.77 -2.37
C CYS A 27 0.23 4.08 -3.12
N THR A 28 -0.94 4.56 -3.54
CA THR A 28 -1.03 5.68 -4.47
C THR A 28 -1.65 6.91 -3.80
N ARG A 1 1.47 4.27 11.62
CA ARG A 1 2.42 4.12 10.51
C ARG A 1 1.71 3.64 9.25
N CYS A 2 1.78 4.44 8.21
CA CYS A 2 1.13 4.12 6.95
C CYS A 2 2.14 4.16 5.81
N LEU A 3 1.79 3.50 4.73
CA LEU A 3 2.64 3.46 3.55
C LEU A 3 2.36 4.67 2.66
N HIS A 4 3.41 5.28 2.13
CA HIS A 4 3.26 6.47 1.30
C HIS A 4 3.11 6.10 -0.17
N ALA A 5 2.96 7.10 -1.01
CA ALA A 5 2.84 6.90 -2.44
C ALA A 5 4.06 6.18 -3.00
N GLY A 6 3.82 5.04 -3.60
CA GLY A 6 4.88 4.27 -4.21
C GLY A 6 5.35 3.14 -3.33
N ALA A 7 4.49 2.72 -2.40
CA ALA A 7 4.82 1.57 -1.55
C ALA A 7 4.11 0.32 -2.06
N ALA A 8 4.85 -0.76 -2.24
CA ALA A 8 4.25 -1.97 -2.78
C ALA A 8 3.24 -2.57 -1.84
N CYS A 9 2.00 -2.67 -2.30
CA CYS A 9 0.93 -3.27 -1.52
C CYS A 9 -0.03 -4.02 -2.43
N SER A 10 -1.19 -4.42 -1.89
CA SER A 10 -2.21 -5.16 -2.66
C SER A 10 -1.71 -6.57 -3.00
N GLY A 11 -0.63 -6.97 -2.33
CA GLY A 11 -0.03 -8.26 -2.55
C GLY A 11 -0.43 -9.25 -1.45
N PRO A 12 0.27 -10.39 -1.36
CA PRO A 12 0.05 -11.37 -0.28
C PRO A 12 -0.05 -10.71 1.09
N ILE A 13 -0.73 -11.40 2.00
CA ILE A 13 -1.13 -10.86 3.32
C ILE A 13 -0.30 -9.64 3.76
N GLN A 14 -0.89 -8.47 3.58
CA GLN A 14 -0.25 -7.22 3.90
C GLN A 14 -1.16 -6.38 4.76
N LYS A 15 -1.03 -6.51 6.07
CA LYS A 15 -1.75 -5.59 6.92
C LYS A 15 -0.84 -4.43 7.26
N ILE A 16 -1.10 -3.32 6.57
CA ILE A 16 -0.41 -2.05 6.74
C ILE A 16 -1.17 -1.03 5.91
N PRO A 17 -2.05 -0.24 6.50
CA PRO A 17 -2.85 0.68 5.72
C PRO A 17 -2.00 1.82 5.17
N CYS A 18 -2.04 2.01 3.87
CA CYS A 18 -1.28 3.07 3.27
C CYS A 18 -2.02 4.37 3.39
N CYS A 19 -1.31 5.47 3.45
CA CYS A 19 -1.96 6.75 3.25
C CYS A 19 -2.04 6.95 1.76
N GLY A 20 -3.00 6.25 1.17
CA GLY A 20 -3.16 6.21 -0.25
C GLY A 20 -4.18 5.17 -0.64
N THR A 21 -4.39 4.99 -1.93
CA THR A 21 -5.19 3.87 -2.39
C THR A 21 -4.25 2.73 -2.84
N CYS A 22 -4.51 1.51 -2.39
CA CYS A 22 -3.68 0.38 -2.77
C CYS A 22 -3.98 -0.02 -4.20
N SER A 23 -3.08 0.36 -5.11
CA SER A 23 -3.28 0.15 -6.53
C SER A 23 -2.11 -0.61 -7.14
N ARG A 24 -2.39 -1.82 -7.66
CA ARG A 24 -1.43 -2.64 -8.42
C ARG A 24 -0.02 -2.62 -7.81
N ARG A 25 0.09 -3.00 -6.54
CA ARG A 25 1.37 -3.07 -5.84
C ARG A 25 1.98 -1.70 -5.59
N LYS A 26 1.15 -0.67 -5.51
CA LYS A 26 1.61 0.63 -5.04
C LYS A 26 0.53 1.31 -4.21
N CYS A 27 0.92 1.82 -3.07
CA CYS A 27 0.09 2.70 -2.30
C CYS A 27 0.14 4.06 -2.98
N THR A 28 -1.01 4.62 -3.27
CA THR A 28 -1.08 5.86 -4.04
C THR A 28 -1.72 6.97 -3.22
N ARG A 1 1.44 3.48 11.65
CA ARG A 1 2.12 4.10 10.48
C ARG A 1 1.42 3.70 9.20
N CYS A 2 1.53 4.54 8.18
CA CYS A 2 0.89 4.25 6.90
C CYS A 2 1.91 4.38 5.77
N LEU A 3 1.70 3.60 4.72
CA LEU A 3 2.61 3.57 3.59
C LEU A 3 2.36 4.76 2.67
N HIS A 4 3.43 5.40 2.23
CA HIS A 4 3.32 6.58 1.38
C HIS A 4 3.18 6.17 -0.09
N ALA A 5 3.08 7.15 -0.97
CA ALA A 5 2.94 6.88 -2.39
C ALA A 5 4.17 6.17 -2.95
N GLY A 6 3.93 5.01 -3.54
CA GLY A 6 4.98 4.26 -4.17
C GLY A 6 5.40 3.05 -3.35
N ALA A 7 4.57 2.66 -2.40
CA ALA A 7 4.88 1.50 -1.56
C ALA A 7 4.13 0.27 -2.04
N ALA A 8 4.82 -0.85 -2.19
CA ALA A 8 4.18 -2.05 -2.70
C ALA A 8 3.12 -2.57 -1.75
N CYS A 9 1.89 -2.61 -2.22
CA CYS A 9 0.78 -3.08 -1.40
C CYS A 9 -0.28 -3.79 -2.26
N SER A 10 -1.37 -4.20 -1.63
CA SER A 10 -2.50 -4.85 -2.31
C SER A 10 -2.13 -6.29 -2.70
N GLY A 11 -0.93 -6.68 -2.34
CA GLY A 11 -0.45 -8.01 -2.64
C GLY A 11 -0.89 -9.01 -1.59
N PRO A 12 -0.31 -10.20 -1.57
CA PRO A 12 -0.63 -11.23 -0.58
C PRO A 12 -0.38 -10.71 0.84
N ILE A 13 -0.98 -11.38 1.81
CA ILE A 13 -1.12 -10.88 3.19
C ILE A 13 -0.19 -9.71 3.55
N GLN A 14 -0.75 -8.51 3.44
CA GLN A 14 -0.04 -7.29 3.77
C GLN A 14 -0.91 -6.45 4.67
N LYS A 15 -0.78 -6.60 5.97
CA LYS A 15 -1.49 -5.71 6.84
C LYS A 15 -0.59 -4.54 7.19
N ILE A 16 -0.86 -3.42 6.53
CA ILE A 16 -0.26 -2.11 6.77
C ILE A 16 -1.02 -1.11 5.91
N PRO A 17 -1.97 -0.36 6.45
CA PRO A 17 -2.76 0.54 5.64
C PRO A 17 -1.92 1.70 5.12
N CYS A 18 -1.96 1.93 3.82
CA CYS A 18 -1.24 3.03 3.22
C CYS A 18 -2.05 4.29 3.32
N CYS A 19 -1.38 5.43 3.42
CA CYS A 19 -2.08 6.68 3.28
C CYS A 19 -2.20 6.95 1.80
N GLY A 20 -3.13 6.25 1.19
CA GLY A 20 -3.30 6.27 -0.23
C GLY A 20 -4.29 5.21 -0.68
N THR A 21 -4.50 5.11 -1.97
CA THR A 21 -5.23 4.00 -2.53
C THR A 21 -4.27 2.87 -2.86
N CYS A 22 -4.62 1.64 -2.52
CA CYS A 22 -3.78 0.50 -2.80
C CYS A 22 -4.07 -0.06 -4.19
N SER A 23 -3.17 0.20 -5.13
CA SER A 23 -3.39 -0.20 -6.52
C SER A 23 -2.13 -0.84 -7.11
N ARG A 24 -2.32 -1.98 -7.77
CA ARG A 24 -1.26 -2.69 -8.52
C ARG A 24 0.09 -2.71 -7.80
N ARG A 25 0.09 -3.16 -6.54
CA ARG A 25 1.30 -3.22 -5.72
C ARG A 25 1.95 -1.86 -5.51
N LYS A 26 1.13 -0.81 -5.43
CA LYS A 26 1.60 0.50 -4.98
C LYS A 26 0.53 1.19 -4.15
N CYS A 27 0.97 1.79 -3.07
CA CYS A 27 0.16 2.71 -2.32
C CYS A 27 0.23 4.05 -3.02
N THR A 28 -0.90 4.64 -3.33
CA THR A 28 -0.93 5.87 -4.10
C THR A 28 -1.38 7.04 -3.25
N ARG A 1 1.52 3.60 11.67
CA ARG A 1 2.33 4.04 10.51
C ARG A 1 1.70 3.56 9.21
N CYS A 2 1.65 4.44 8.22
CA CYS A 2 1.07 4.10 6.94
C CYS A 2 2.13 4.12 5.84
N LEU A 3 1.80 3.50 4.72
CA LEU A 3 2.67 3.47 3.57
C LEU A 3 2.41 4.70 2.70
N HIS A 4 3.47 5.31 2.19
CA HIS A 4 3.33 6.53 1.40
C HIS A 4 3.17 6.18 -0.08
N ALA A 5 3.02 7.21 -0.91
CA ALA A 5 2.87 7.00 -2.34
C ALA A 5 4.10 6.32 -2.93
N GLY A 6 3.87 5.16 -3.51
CA GLY A 6 4.94 4.41 -4.14
C GLY A 6 5.39 3.24 -3.29
N ALA A 7 4.54 2.80 -2.37
CA ALA A 7 4.86 1.64 -1.54
C ALA A 7 4.15 0.40 -2.06
N ALA A 8 4.81 -0.75 -2.04
CA ALA A 8 4.18 -1.96 -2.57
C ALA A 8 3.13 -2.50 -1.62
N CYS A 9 1.90 -2.54 -2.09
CA CYS A 9 0.78 -3.09 -1.32
C CYS A 9 -0.18 -3.83 -2.25
N SER A 10 -1.33 -4.26 -1.72
CA SER A 10 -2.34 -4.99 -2.48
C SER A 10 -1.81 -6.38 -2.88
N GLY A 11 -0.75 -6.78 -2.19
CA GLY A 11 -0.15 -8.07 -2.45
C GLY A 11 -0.57 -9.09 -1.42
N PRO A 12 0.09 -10.26 -1.37
CA PRO A 12 -0.14 -11.28 -0.35
C PRO A 12 -0.10 -10.69 1.06
N ILE A 13 -0.71 -11.40 1.99
CA ILE A 13 -1.00 -10.93 3.37
C ILE A 13 -0.18 -9.69 3.77
N GLN A 14 -0.79 -8.54 3.58
CA GLN A 14 -0.17 -7.27 3.88
C GLN A 14 -1.07 -6.45 4.77
N LYS A 15 -0.93 -6.60 6.07
CA LYS A 15 -1.64 -5.70 6.95
C LYS A 15 -0.73 -4.54 7.29
N ILE A 16 -0.97 -3.42 6.62
CA ILE A 16 -0.31 -2.13 6.80
C ILE A 16 -1.06 -1.13 5.94
N PRO A 17 -1.96 -0.34 6.50
CA PRO A 17 -2.76 0.56 5.69
C PRO A 17 -1.92 1.71 5.14
N CYS A 18 -2.00 1.94 3.84
CA CYS A 18 -1.27 3.02 3.22
C CYS A 18 -2.05 4.30 3.36
N CYS A 19 -1.36 5.43 3.38
CA CYS A 19 -2.06 6.69 3.21
C CYS A 19 -2.12 6.93 1.71
N GLY A 20 -3.05 6.24 1.09
CA GLY A 20 -3.17 6.25 -0.35
C GLY A 20 -4.18 5.21 -0.79
N THR A 21 -4.38 5.08 -2.09
CA THR A 21 -5.16 3.97 -2.62
C THR A 21 -4.22 2.80 -2.93
N CYS A 22 -4.55 1.62 -2.44
CA CYS A 22 -3.77 0.44 -2.74
C CYS A 22 -4.06 -0.02 -4.15
N SER A 23 -3.16 0.33 -5.05
CA SER A 23 -3.37 0.11 -6.46
C SER A 23 -2.20 -0.65 -7.09
N ARG A 24 -2.49 -1.87 -7.57
CA ARG A 24 -1.55 -2.74 -8.29
C ARG A 24 -0.13 -2.74 -7.70
N ARG A 25 -0.03 -3.09 -6.42
CA ARG A 25 1.26 -3.18 -5.75
C ARG A 25 1.88 -1.81 -5.48
N LYS A 26 1.07 -0.78 -5.47
CA LYS A 26 1.53 0.54 -5.04
C LYS A 26 0.49 1.23 -4.18
N CYS A 27 0.93 1.83 -3.11
CA CYS A 27 0.12 2.73 -2.34
C CYS A 27 0.18 4.07 -3.04
N THR A 28 -0.96 4.59 -3.42
CA THR A 28 -1.02 5.75 -4.30
C THR A 28 -1.63 6.95 -3.57
N ARG A 1 0.91 3.58 11.71
CA ARG A 1 1.79 3.90 10.57
C ARG A 1 1.03 3.70 9.26
N CYS A 2 1.51 4.33 8.19
CA CYS A 2 0.91 4.12 6.88
C CYS A 2 1.95 4.24 5.79
N LEU A 3 1.73 3.52 4.71
CA LEU A 3 2.64 3.49 3.58
C LEU A 3 2.45 4.73 2.71
N HIS A 4 3.54 5.26 2.21
CA HIS A 4 3.50 6.48 1.40
C HIS A 4 3.25 6.14 -0.06
N ALA A 5 3.14 7.17 -0.89
CA ALA A 5 2.91 6.99 -2.32
C ALA A 5 4.13 6.35 -2.97
N GLY A 6 3.94 5.14 -3.46
CA GLY A 6 5.02 4.41 -4.09
C GLY A 6 5.45 3.21 -3.27
N ALA A 7 4.58 2.79 -2.35
CA ALA A 7 4.87 1.62 -1.53
C ALA A 7 4.16 0.40 -2.08
N ALA A 8 4.73 -0.78 -1.90
CA ALA A 8 4.11 -1.98 -2.44
C ALA A 8 3.03 -2.51 -1.52
N CYS A 9 1.81 -2.56 -2.02
CA CYS A 9 0.69 -3.07 -1.25
C CYS A 9 -0.30 -3.82 -2.15
N SER A 10 -1.38 -4.33 -1.57
CA SER A 10 -2.37 -5.14 -2.31
C SER A 10 -1.76 -6.45 -2.78
N GLY A 11 -0.59 -6.75 -2.24
CA GLY A 11 0.11 -7.98 -2.56
C GLY A 11 -0.17 -9.05 -1.52
N PRO A 12 0.62 -10.16 -1.54
CA PRO A 12 0.52 -11.21 -0.53
C PRO A 12 0.34 -10.65 0.87
N ILE A 13 -0.52 -11.32 1.65
CA ILE A 13 -1.03 -10.82 2.94
C ILE A 13 -0.20 -9.67 3.53
N GLN A 14 -0.68 -8.46 3.27
CA GLN A 14 -0.01 -7.24 3.71
C GLN A 14 -0.94 -6.42 4.56
N LYS A 15 -0.84 -6.57 5.87
CA LYS A 15 -1.56 -5.66 6.72
C LYS A 15 -0.66 -4.51 7.11
N ILE A 16 -0.92 -3.38 6.46
CA ILE A 16 -0.30 -2.08 6.73
C ILE A 16 -1.05 -1.08 5.86
N PRO A 17 -2.00 -0.33 6.43
CA PRO A 17 -2.80 0.59 5.63
C PRO A 17 -1.95 1.73 5.10
N CYS A 18 -2.00 1.96 3.79
CA CYS A 18 -1.26 3.06 3.20
C CYS A 18 -2.04 4.34 3.34
N CYS A 19 -1.35 5.46 3.42
CA CYS A 19 -2.04 6.72 3.27
C CYS A 19 -2.14 6.99 1.78
N GLY A 20 -3.09 6.31 1.18
CA GLY A 20 -3.26 6.34 -0.25
C GLY A 20 -4.29 5.31 -0.66
N THR A 21 -4.52 5.18 -1.95
CA THR A 21 -5.30 4.07 -2.47
C THR A 21 -4.34 2.95 -2.89
N CYS A 22 -4.59 1.74 -2.44
CA CYS A 22 -3.78 0.61 -2.83
C CYS A 22 -4.14 0.13 -4.23
N SER A 23 -3.19 0.27 -5.14
CA SER A 23 -3.42 -0.07 -6.54
C SER A 23 -2.28 -0.90 -7.09
N ARG A 24 -2.60 -2.16 -7.44
CA ARG A 24 -1.68 -3.08 -8.14
C ARG A 24 -0.23 -3.00 -7.63
N ARG A 25 -0.07 -3.26 -6.33
CA ARG A 25 1.23 -3.31 -5.67
C ARG A 25 1.85 -1.93 -5.45
N LYS A 26 1.04 -0.89 -5.44
CA LYS A 26 1.51 0.43 -5.05
C LYS A 26 0.47 1.16 -4.21
N CYS A 27 0.93 1.81 -3.16
CA CYS A 27 0.12 2.74 -2.40
C CYS A 27 0.20 4.08 -3.11
N THR A 28 -0.96 4.65 -3.44
CA THR A 28 -1.01 5.88 -4.22
C THR A 28 -1.63 7.00 -3.39
N ARG A 1 1.04 3.96 11.78
CA ARG A 1 1.87 4.39 10.63
C ARG A 1 1.24 3.90 9.33
N CYS A 2 1.67 4.47 8.22
CA CYS A 2 1.11 4.09 6.94
C CYS A 2 2.19 4.06 5.87
N LEU A 3 1.84 3.50 4.72
CA LEU A 3 2.72 3.46 3.57
C LEU A 3 2.46 4.68 2.71
N HIS A 4 3.52 5.30 2.23
CA HIS A 4 3.38 6.53 1.43
C HIS A 4 3.19 6.19 -0.04
N ALA A 5 3.09 7.22 -0.87
CA ALA A 5 2.91 7.04 -2.30
C ALA A 5 4.11 6.33 -2.92
N GLY A 6 3.83 5.20 -3.56
CA GLY A 6 4.86 4.45 -4.22
C GLY A 6 5.34 3.27 -3.39
N ALA A 7 4.52 2.86 -2.44
CA ALA A 7 4.87 1.72 -1.59
C ALA A 7 4.16 0.46 -2.06
N ALA A 8 4.83 -0.68 -2.01
CA ALA A 8 4.23 -1.91 -2.50
C ALA A 8 3.15 -2.42 -1.55
N CYS A 9 1.93 -2.53 -2.06
CA CYS A 9 0.82 -3.06 -1.29
C CYS A 9 -0.17 -3.79 -2.21
N SER A 10 -1.23 -4.33 -1.61
CA SER A 10 -2.25 -5.10 -2.35
C SER A 10 -1.71 -6.47 -2.76
N GLY A 11 -0.54 -6.80 -2.25
CA GLY A 11 0.06 -8.09 -2.50
C GLY A 11 -0.37 -9.12 -1.48
N PRO A 12 0.29 -10.29 -1.44
CA PRO A 12 0.03 -11.31 -0.43
C PRO A 12 -0.11 -10.72 0.97
N ILE A 13 -0.92 -11.40 1.80
CA ILE A 13 -1.39 -10.89 3.10
C ILE A 13 -0.57 -9.72 3.64
N GLN A 14 -1.06 -8.52 3.37
CA GLN A 14 -0.39 -7.31 3.75
C GLN A 14 -1.31 -6.44 4.59
N LYS A 15 -1.23 -6.58 5.90
CA LYS A 15 -1.89 -5.62 6.74
C LYS A 15 -0.91 -4.51 7.11
N ILE A 16 -1.10 -3.39 6.45
CA ILE A 16 -0.39 -2.12 6.67
C ILE A 16 -1.10 -1.08 5.84
N PRO A 17 -1.97 -0.28 6.43
CA PRO A 17 -2.76 0.66 5.65
C PRO A 17 -1.87 1.78 5.10
N CYS A 18 -1.95 2.00 3.80
CA CYS A 18 -1.21 3.08 3.19
C CYS A 18 -1.99 4.36 3.33
N CYS A 19 -1.30 5.48 3.37
CA CYS A 19 -2.00 6.74 3.23
C CYS A 19 -2.15 6.97 1.73
N GLY A 20 -3.11 6.27 1.18
CA GLY A 20 -3.30 6.24 -0.25
C GLY A 20 -4.32 5.19 -0.63
N THR A 21 -4.56 5.04 -1.91
CA THR A 21 -5.34 3.91 -2.39
C THR A 21 -4.39 2.79 -2.84
N CYS A 22 -4.62 1.59 -2.38
CA CYS A 22 -3.79 0.46 -2.75
C CYS A 22 -4.13 -0.02 -4.16
N SER A 23 -3.15 0.05 -5.05
CA SER A 23 -3.37 -0.31 -6.44
C SER A 23 -2.11 -0.91 -7.07
N ARG A 24 -2.27 -2.07 -7.71
CA ARG A 24 -1.21 -2.74 -8.49
C ARG A 24 0.15 -2.75 -7.79
N ARG A 25 0.16 -3.14 -6.51
CA ARG A 25 1.40 -3.22 -5.73
C ARG A 25 2.00 -1.85 -5.44
N LYS A 26 1.17 -0.82 -5.44
CA LYS A 26 1.61 0.50 -4.99
C LYS A 26 0.52 1.19 -4.18
N CYS A 27 0.95 1.87 -3.14
CA CYS A 27 0.10 2.77 -2.40
C CYS A 27 0.12 4.10 -3.12
N THR A 28 -1.05 4.63 -3.44
CA THR A 28 -1.15 5.84 -4.23
C THR A 28 -1.48 7.05 -3.37
N ARG A 1 1.28 4.70 11.48
CA ARG A 1 2.07 3.97 10.46
C ARG A 1 1.26 3.76 9.20
N CYS A 2 1.72 4.32 8.10
CA CYS A 2 1.06 4.15 6.83
C CYS A 2 2.07 4.22 5.69
N LEU A 3 1.76 3.53 4.61
CA LEU A 3 2.60 3.52 3.44
C LEU A 3 2.27 4.70 2.55
N HIS A 4 3.30 5.40 2.09
CA HIS A 4 3.09 6.59 1.26
C HIS A 4 3.08 6.22 -0.23
N ALA A 5 2.96 7.22 -1.08
CA ALA A 5 2.87 7.01 -2.52
C ALA A 5 4.13 6.34 -3.06
N GLY A 6 3.96 5.13 -3.55
CA GLY A 6 5.07 4.39 -4.12
C GLY A 6 5.50 3.23 -3.27
N ALA A 7 4.63 2.80 -2.36
CA ALA A 7 4.93 1.65 -1.51
C ALA A 7 4.23 0.41 -2.05
N ALA A 8 4.82 -0.76 -1.90
CA ALA A 8 4.21 -1.97 -2.43
C ALA A 8 3.11 -2.49 -1.50
N CYS A 9 1.91 -2.61 -2.04
CA CYS A 9 0.79 -3.16 -1.29
C CYS A 9 -0.18 -3.88 -2.23
N SER A 10 -1.34 -4.29 -1.70
CA SER A 10 -2.37 -4.98 -2.47
C SER A 10 -1.93 -6.39 -2.85
N GLY A 11 -0.86 -6.83 -2.20
CA GLY A 11 -0.34 -8.16 -2.47
C GLY A 11 -0.79 -9.16 -1.40
N PRO A 12 -0.20 -10.37 -1.39
CA PRO A 12 -0.47 -11.38 -0.37
C PRO A 12 -0.41 -10.80 1.03
N ILE A 13 -1.08 -11.49 1.97
CA ILE A 13 -1.36 -11.00 3.33
C ILE A 13 -0.50 -9.79 3.75
N GLN A 14 -1.04 -8.61 3.52
CA GLN A 14 -0.36 -7.37 3.84
C GLN A 14 -1.24 -6.49 4.69
N LYS A 15 -1.10 -6.58 6.00
CA LYS A 15 -1.73 -5.59 6.83
C LYS A 15 -0.74 -4.49 7.15
N ILE A 16 -0.94 -3.37 6.48
CA ILE A 16 -0.24 -2.11 6.68
C ILE A 16 -1.00 -1.08 5.86
N PRO A 17 -1.89 -0.31 6.46
CA PRO A 17 -2.71 0.59 5.69
C PRO A 17 -1.89 1.73 5.10
N CYS A 18 -1.98 1.92 3.81
CA CYS A 18 -1.27 3.00 3.19
C CYS A 18 -2.08 4.26 3.33
N CYS A 19 -1.41 5.38 3.50
CA CYS A 19 -2.12 6.64 3.43
C CYS A 19 -2.22 6.98 1.97
N GLY A 20 -3.16 6.31 1.34
CA GLY A 20 -3.25 6.33 -0.08
C GLY A 20 -4.25 5.28 -0.54
N THR A 21 -4.41 5.15 -1.84
CA THR A 21 -5.19 4.05 -2.40
C THR A 21 -4.25 2.91 -2.80
N CYS A 22 -4.57 1.69 -2.41
CA CYS A 22 -3.75 0.54 -2.78
C CYS A 22 -4.07 0.07 -4.20
N SER A 23 -3.08 0.17 -5.08
CA SER A 23 -3.27 -0.12 -6.49
C SER A 23 -2.01 -0.71 -7.12
N ARG A 24 -2.11 -1.93 -7.65
CA ARG A 24 -1.05 -2.55 -8.46
C ARG A 24 0.28 -2.69 -7.70
N ARG A 25 0.24 -3.19 -6.47
CA ARG A 25 1.45 -3.28 -5.65
C ARG A 25 2.03 -1.91 -5.36
N LYS A 26 1.16 -0.92 -5.34
CA LYS A 26 1.58 0.44 -5.03
C LYS A 26 0.55 1.15 -4.17
N CYS A 27 1.02 1.80 -3.12
CA CYS A 27 0.20 2.70 -2.36
C CYS A 27 0.25 4.05 -3.04
N THR A 28 -0.91 4.56 -3.43
CA THR A 28 -0.97 5.78 -4.20
C THR A 28 -1.55 6.92 -3.35
N ARG A 1 1.00 4.40 11.72
CA ARG A 1 1.93 4.00 10.64
C ARG A 1 1.16 3.75 9.35
N CYS A 2 1.64 4.30 8.25
CA CYS A 2 1.02 4.08 6.97
C CYS A 2 2.05 4.18 5.85
N LEU A 3 1.76 3.54 4.74
CA LEU A 3 2.64 3.54 3.58
C LEU A 3 2.37 4.76 2.72
N HIS A 4 3.42 5.37 2.21
CA HIS A 4 3.29 6.56 1.38
C HIS A 4 3.10 6.18 -0.09
N ALA A 5 2.96 7.18 -0.95
CA ALA A 5 2.81 6.94 -2.37
C ALA A 5 4.02 6.24 -2.95
N GLY A 6 3.77 5.09 -3.56
CA GLY A 6 4.82 4.34 -4.19
C GLY A 6 5.29 3.17 -3.35
N ALA A 7 4.47 2.77 -2.39
CA ALA A 7 4.83 1.65 -1.51
C ALA A 7 4.11 0.38 -1.95
N ALA A 8 4.84 -0.73 -2.06
CA ALA A 8 4.25 -1.97 -2.53
C ALA A 8 3.15 -2.47 -1.59
N CYS A 9 1.96 -2.64 -2.14
CA CYS A 9 0.83 -3.16 -1.37
C CYS A 9 -0.16 -3.89 -2.27
N SER A 10 -1.33 -4.24 -1.72
CA SER A 10 -2.40 -4.91 -2.48
C SER A 10 -2.01 -6.35 -2.82
N GLY A 11 -0.95 -6.83 -2.20
CA GLY A 11 -0.50 -8.19 -2.43
C GLY A 11 -0.99 -9.14 -1.36
N PRO A 12 -0.46 -10.37 -1.31
CA PRO A 12 -0.82 -11.36 -0.29
C PRO A 12 -0.56 -10.82 1.12
N ILE A 13 -1.14 -11.50 2.13
CA ILE A 13 -1.27 -10.97 3.50
C ILE A 13 -0.41 -9.74 3.78
N GLN A 14 -1.00 -8.57 3.53
CA GLN A 14 -0.32 -7.31 3.74
C GLN A 14 -1.15 -6.43 4.65
N LYS A 15 -0.97 -6.57 5.94
CA LYS A 15 -1.61 -5.63 6.82
C LYS A 15 -0.64 -4.51 7.15
N ILE A 16 -0.88 -3.38 6.50
CA ILE A 16 -0.21 -2.10 6.72
C ILE A 16 -0.97 -1.09 5.88
N PRO A 17 -1.88 -0.33 6.46
CA PRO A 17 -2.71 0.58 5.69
C PRO A 17 -1.89 1.73 5.13
N CYS A 18 -1.98 1.97 3.83
CA CYS A 18 -1.26 3.06 3.23
C CYS A 18 -2.06 4.34 3.37
N CYS A 19 -1.37 5.46 3.45
CA CYS A 19 -2.06 6.72 3.28
C CYS A 19 -2.14 6.97 1.79
N GLY A 20 -3.08 6.27 1.18
CA GLY A 20 -3.22 6.28 -0.25
C GLY A 20 -4.23 5.24 -0.67
N THR A 21 -4.45 5.12 -1.96
CA THR A 21 -5.24 4.04 -2.50
C THR A 21 -4.32 2.89 -2.93
N CYS A 22 -4.55 1.69 -2.44
CA CYS A 22 -3.73 0.56 -2.80
C CYS A 22 -4.06 0.09 -4.21
N SER A 23 -3.05 0.12 -5.09
CA SER A 23 -3.25 -0.27 -6.49
C SER A 23 -1.96 -0.85 -7.06
N ARG A 24 -2.04 -2.01 -7.71
CA ARG A 24 -0.92 -2.54 -8.50
C ARG A 24 0.37 -2.67 -7.70
N ARG A 25 0.29 -3.14 -6.46
CA ARG A 25 1.47 -3.25 -5.61
C ARG A 25 2.12 -1.89 -5.38
N LYS A 26 1.30 -0.86 -5.29
CA LYS A 26 1.77 0.45 -4.92
C LYS A 26 0.67 1.27 -4.26
N CYS A 27 1.00 1.81 -3.11
CA CYS A 27 0.11 2.71 -2.40
C CYS A 27 0.14 4.03 -3.12
N THR A 28 -1.03 4.56 -3.44
CA THR A 28 -1.13 5.76 -4.26
C THR A 28 -1.76 6.90 -3.47
#